data_3PQC
#
_entry.id   3PQC
#
_cell.length_a   62.670
_cell.length_b   69.714
_cell.length_c   94.836
_cell.angle_alpha   90.00
_cell.angle_beta   90.00
_cell.angle_gamma   90.00
#
_symmetry.space_group_name_H-M   'P 21 21 21'
#
loop_
_entity.id
_entity.type
_entity.pdbx_description
1 polymer 'Probable GTP-binding protein engB'
2 non-polymer "GUANOSINE-5'-DIPHOSPHATE"
3 non-polymer DI(HYDROXYETHYL)ETHER
4 water water
#
_entity_poly.entity_id   1
_entity_poly.type   'polypeptide(L)'
_entity_poly.pdbx_seq_one_letter_code
;MIIRDVELVKVARTPGDYPPPLKGEVAFVGRSNVGKSSLLNALFNRKIAFVSKTPGKTRSINFYLVNSKYYFVDLPGYGY
AKVSKKERMLWKRLVEDYFKNRWSLQMVFLLVDGRIPPQDSDLMMVEWMKSLNIPFTIVLTKMDKVKMSERAKKLEEHRK
VFSKYGEYTIIPTSSVTGEGISELLDLISTLLKEN
;
_entity_poly.pdbx_strand_id   A,B
#
# COMPACT_ATOMS: atom_id res chain seq x y z
N ILE A 2 -6.46 20.06 5.61
CA ILE A 2 -5.00 19.91 5.72
C ILE A 2 -4.61 18.45 5.99
N ILE A 3 -4.00 17.82 4.99
CA ILE A 3 -3.52 16.46 5.15
C ILE A 3 -2.21 16.46 5.95
N ARG A 4 -2.24 15.77 7.09
CA ARG A 4 -1.10 15.72 7.99
C ARG A 4 -0.38 14.37 7.85
N ASP A 5 -1.14 13.28 7.94
CA ASP A 5 -0.55 11.96 7.83
C ASP A 5 -1.19 11.13 6.72
N VAL A 6 -0.36 10.41 5.99
CA VAL A 6 -0.81 9.50 4.93
C VAL A 6 -0.12 8.16 5.12
N GLU A 7 -0.91 7.09 5.22
CA GLU A 7 -0.36 5.74 5.43
C GLU A 7 -0.97 4.75 4.46
N LEU A 8 -0.13 3.96 3.81
CA LEU A 8 -0.65 2.84 3.01
C LEU A 8 -0.98 1.69 3.95
N VAL A 9 -2.26 1.37 4.13
CA VAL A 9 -2.62 0.37 5.12
C VAL A 9 -3.26 -0.92 4.59
N LYS A 10 -3.76 -0.88 3.36
CA LYS A 10 -4.41 -2.06 2.78
C LYS A 10 -4.13 -2.16 1.29
N VAL A 11 -3.63 -3.31 0.88
CA VAL A 11 -3.50 -3.65 -0.52
C VAL A 11 -4.49 -4.79 -0.76
N ALA A 12 -5.66 -4.42 -1.25
CA ALA A 12 -6.77 -5.36 -1.39
C ALA A 12 -6.70 -6.08 -2.73
N ARG A 13 -6.53 -7.40 -2.67
CA ARG A 13 -6.33 -8.21 -3.87
C ARG A 13 -7.54 -9.07 -4.15
N THR A 14 -8.41 -9.18 -3.16
CA THR A 14 -9.62 -9.98 -3.28
C THR A 14 -10.82 -9.14 -2.85
N PRO A 15 -12.02 -9.51 -3.31
CA PRO A 15 -13.23 -8.80 -2.91
C PRO A 15 -13.44 -8.79 -1.39
N GLY A 16 -13.85 -7.63 -0.87
CA GLY A 16 -14.23 -7.50 0.53
C GLY A 16 -13.07 -7.35 1.50
N ASP A 17 -11.84 -7.40 1.02
CA ASP A 17 -10.69 -7.21 1.90
C ASP A 17 -10.40 -5.73 2.13
N TYR A 18 -11.33 -5.06 2.81
CA TYR A 18 -11.25 -3.62 3.03
C TYR A 18 -11.13 -3.33 4.51
N PRO A 19 -10.46 -2.22 4.86
CA PRO A 19 -10.35 -1.83 6.27
C PRO A 19 -11.68 -1.30 6.79
N PRO A 20 -11.83 -1.23 8.12
CA PRO A 20 -13.04 -0.67 8.75
C PRO A 20 -13.30 0.75 8.25
N PRO A 21 -14.58 1.07 8.04
CA PRO A 21 -15.01 2.33 7.41
C PRO A 21 -14.53 3.62 8.08
N LEU A 22 -14.33 3.63 9.39
CA LEU A 22 -13.92 4.88 10.06
C LEU A 22 -14.88 6.03 9.74
N LYS A 23 -14.36 7.22 9.48
CA LYS A 23 -15.19 8.40 9.27
C LYS A 23 -15.59 8.63 7.81
N GLY A 24 -15.22 7.71 6.93
CA GLY A 24 -15.57 7.83 5.52
C GLY A 24 -14.37 7.90 4.60
N GLU A 25 -14.65 7.87 3.29
CA GLU A 25 -13.59 7.80 2.31
C GLU A 25 -14.03 8.34 0.95
N VAL A 26 -13.05 8.69 0.13
CA VAL A 26 -13.29 9.00 -1.26
C VAL A 26 -12.41 8.08 -2.10
N ALA A 27 -12.76 7.88 -3.36
CA ALA A 27 -12.02 6.97 -4.22
C ALA A 27 -11.61 7.66 -5.52
N PHE A 28 -10.59 7.11 -6.17
CA PHE A 28 -10.04 7.69 -7.38
C PHE A 28 -9.93 6.60 -8.44
N VAL A 29 -10.35 6.92 -9.65
CA VAL A 29 -10.32 5.95 -10.73
C VAL A 29 -10.29 6.69 -12.07
N GLY A 30 -9.81 6.00 -13.10
CA GLY A 30 -9.68 6.60 -14.42
C GLY A 30 -8.97 5.61 -15.31
N ARG A 31 -8.79 5.97 -16.57
CA ARG A 31 -8.08 5.13 -17.51
C ARG A 31 -6.63 5.00 -17.07
N SER A 32 -6.04 3.82 -17.25
CA SER A 32 -4.62 3.67 -16.98
C SER A 32 -3.83 4.76 -17.72
N ASN A 33 -2.83 5.31 -17.04
CA ASN A 33 -1.97 6.34 -17.60
C ASN A 33 -2.58 7.76 -17.57
N VAL A 34 -3.77 7.89 -16.98
CA VAL A 34 -4.46 9.20 -16.94
C VAL A 34 -3.74 10.19 -16.02
N GLY A 35 -2.93 9.66 -15.11
CA GLY A 35 -2.23 10.51 -14.15
C GLY A 35 -2.75 10.37 -12.73
N LYS A 36 -3.29 9.20 -12.42
CA LYS A 36 -3.88 8.96 -11.10
C LYS A 36 -2.84 8.94 -9.97
N SER A 37 -1.79 8.16 -10.13
CA SER A 37 -0.72 8.15 -9.14
C SER A 37 -0.14 9.55 -8.95
N SER A 38 0.08 10.27 -10.04
CA SER A 38 0.62 11.62 -9.95
C SER A 38 -0.33 12.54 -9.19
N LEU A 39 -1.64 12.39 -9.42
CA LEU A 39 -2.61 13.23 -8.72
C LEU A 39 -2.61 12.94 -7.23
N LEU A 40 -2.57 11.65 -6.87
CA LEU A 40 -2.55 11.26 -5.48
C LEU A 40 -1.34 11.87 -4.78
N ASN A 41 -0.18 11.79 -5.44
CA ASN A 41 1.04 12.33 -4.87
C ASN A 41 0.93 13.84 -4.69
N ALA A 42 0.34 14.52 -5.66
CA ALA A 42 0.14 15.96 -5.55
C ALA A 42 -0.76 16.28 -4.37
N LEU A 43 -1.83 15.51 -4.20
CA LEU A 43 -2.75 15.68 -3.07
C LEU A 43 -2.07 15.37 -1.73
N PHE A 44 -1.27 14.31 -1.69
CA PHE A 44 -0.59 13.92 -0.47
C PHE A 44 0.62 14.80 -0.18
N ASN A 45 1.04 15.57 -1.17
CA ASN A 45 2.25 16.39 -1.05
C ASN A 45 3.44 15.51 -0.71
N ARG A 46 3.49 14.34 -1.32
CA ARG A 46 4.60 13.42 -1.11
C ARG A 46 4.58 12.30 -2.14
N LYS A 47 5.74 11.78 -2.49
CA LYS A 47 5.81 10.72 -3.48
C LYS A 47 5.56 9.39 -2.81
N ILE A 48 4.35 8.86 -2.98
CA ILE A 48 4.01 7.59 -2.34
C ILE A 48 3.40 6.60 -3.33
N ALA A 49 2.58 7.10 -4.26
CA ALA A 49 2.00 6.23 -5.29
C ALA A 49 3.00 6.10 -6.43
N PHE A 50 2.96 4.96 -7.10
CA PHE A 50 3.92 4.65 -8.17
C PHE A 50 3.56 5.33 -9.49
N VAL A 51 4.47 6.17 -10.00
CA VAL A 51 4.26 6.89 -11.25
C VAL A 51 5.12 6.28 -12.35
N SER A 52 4.56 6.14 -13.54
CA SER A 52 5.32 5.59 -14.66
C SER A 52 4.69 5.92 -16.01
N LYS A 53 5.51 5.97 -17.05
CA LYS A 53 5.02 6.14 -18.41
C LYS A 53 4.26 4.91 -18.87
N THR A 54 4.57 3.76 -18.29
CA THR A 54 3.89 2.53 -18.62
C THR A 54 2.93 2.14 -17.50
N PRO A 55 1.65 1.95 -17.84
CA PRO A 55 0.59 1.62 -16.88
C PRO A 55 0.82 0.25 -16.26
N GLY A 56 0.53 0.14 -14.97
CA GLY A 56 0.66 -1.14 -14.27
C GLY A 56 -0.55 -2.03 -14.52
N LYS A 57 -0.35 -3.33 -14.33
CA LYS A 57 -1.46 -4.27 -14.43
C LYS A 57 -2.44 -4.06 -13.28
N THR A 58 -3.71 -4.38 -13.51
CA THR A 58 -4.67 -4.44 -12.41
C THR A 58 -4.20 -5.51 -11.42
N ARG A 59 -3.99 -5.12 -10.17
CA ARG A 59 -3.61 -6.10 -9.16
C ARG A 59 -4.37 -5.90 -7.84
N SER A 60 -4.72 -4.67 -7.53
CA SER A 60 -5.29 -4.39 -6.21
C SER A 60 -6.01 -3.06 -6.13
N ILE A 61 -6.80 -2.90 -5.06
CA ILE A 61 -7.32 -1.61 -4.64
C ILE A 61 -6.53 -1.20 -3.39
N ASN A 62 -5.91 -0.03 -3.42
CA ASN A 62 -5.05 0.39 -2.31
C ASN A 62 -5.70 1.45 -1.43
N PHE A 63 -5.66 1.26 -0.12
CA PHE A 63 -6.30 2.19 0.81
C PHE A 63 -5.25 3.01 1.54
N TYR A 64 -5.35 4.33 1.42
CA TYR A 64 -4.48 5.23 2.16
C TYR A 64 -5.25 5.84 3.32
N LEU A 65 -4.77 5.60 4.53
CA LEU A 65 -5.38 6.15 5.74
C LEU A 65 -4.87 7.57 5.93
N VAL A 66 -5.79 8.53 5.99
CA VAL A 66 -5.42 9.93 6.08
C VAL A 66 -5.85 10.50 7.42
N ASN A 67 -4.90 11.11 8.11
CA ASN A 67 -5.15 11.70 9.42
C ASN A 67 -5.82 10.72 10.37
N SER A 68 -5.49 9.45 10.21
CA SER A 68 -5.98 8.39 11.11
C SER A 68 -7.49 8.19 11.12
N LYS A 69 -8.24 8.87 10.25
CA LYS A 69 -9.69 8.75 10.33
C LYS A 69 -10.44 8.69 8.99
N TYR A 70 -9.75 8.96 7.88
CA TYR A 70 -10.41 8.88 6.57
C TYR A 70 -9.57 8.02 5.63
N TYR A 71 -10.18 7.55 4.54
CA TYR A 71 -9.38 6.91 3.50
C TYR A 71 -9.45 7.65 2.17
N PHE A 72 -8.32 7.66 1.45
CA PHE A 72 -8.29 7.95 0.02
C PHE A 72 -8.06 6.60 -0.65
N VAL A 73 -8.97 6.20 -1.52
CA VAL A 73 -8.89 4.85 -2.06
C VAL A 73 -8.51 4.89 -3.52
N ASP A 74 -7.47 4.13 -3.86
CA ASP A 74 -6.93 4.15 -5.21
C ASP A 74 -7.41 2.93 -5.97
N LEU A 75 -8.38 3.12 -6.86
CA LEU A 75 -8.92 2.00 -7.62
C LEU A 75 -8.03 1.79 -8.84
N PRO A 76 -7.95 0.54 -9.33
CA PRO A 76 -7.07 0.27 -10.48
C PRO A 76 -7.59 0.92 -11.76
N GLY A 77 -6.68 1.38 -12.61
CA GLY A 77 -7.04 2.00 -13.86
C GLY A 77 -7.61 1.01 -14.87
N TYR A 78 -8.46 1.52 -15.75
CA TYR A 78 -9.10 0.69 -16.79
C TYR A 78 -8.55 0.95 -18.19
N GLY A 79 -8.86 0.06 -19.12
CA GLY A 79 -8.53 0.22 -20.53
C GLY A 79 -7.05 0.35 -20.86
N TYR A 80 -6.78 0.96 -22.01
CA TYR A 80 -5.42 1.21 -22.47
C TYR A 80 -4.69 -0.09 -22.85
N ALA A 81 -3.96 -0.64 -21.90
CA ALA A 81 -3.11 -1.81 -22.14
C ALA A 81 -3.93 -2.97 -22.68
N LYS A 82 -3.25 -3.91 -23.35
CA LYS A 82 -3.91 -5.10 -23.86
C LYS A 82 -4.36 -5.95 -22.68
N VAL A 83 -5.38 -5.47 -21.98
CA VAL A 83 -5.85 -6.13 -20.78
C VAL A 83 -6.37 -7.53 -21.11
N SER A 84 -5.70 -8.55 -20.60
CA SER A 84 -6.10 -9.93 -20.86
C SER A 84 -7.42 -10.24 -20.16
N LYS A 85 -8.03 -11.37 -20.53
CA LYS A 85 -9.31 -11.78 -19.97
C LYS A 85 -9.23 -11.79 -18.45
N LYS A 86 -8.18 -12.44 -17.94
CA LYS A 86 -7.98 -12.60 -16.50
C LYS A 86 -7.85 -11.26 -15.76
N GLU A 87 -7.18 -10.31 -16.40
CA GLU A 87 -6.96 -9.00 -15.79
C GLU A 87 -8.23 -8.15 -15.76
N ARG A 88 -8.98 -8.14 -16.86
CA ARG A 88 -10.23 -7.38 -16.91
C ARG A 88 -11.26 -7.96 -15.96
N MET A 89 -11.26 -9.27 -15.82
CA MET A 89 -12.17 -9.93 -14.88
C MET A 89 -11.80 -9.55 -13.47
N LEU A 90 -10.50 -9.53 -13.18
CA LEU A 90 -10.04 -9.07 -11.88
C LEU A 90 -10.47 -7.63 -11.68
N TRP A 91 -10.27 -6.79 -12.71
CA TRP A 91 -10.65 -5.37 -12.60
C TRP A 91 -12.13 -5.27 -12.27
N LYS A 92 -12.95 -5.91 -13.08
CA LYS A 92 -14.39 -5.90 -12.89
C LYS A 92 -14.75 -6.42 -11.52
N ARG A 93 -14.14 -7.53 -11.13
CA ARG A 93 -14.44 -8.18 -9.86
C ARG A 93 -14.18 -7.25 -8.67
N LEU A 94 -13.03 -6.59 -8.66
CA LEU A 94 -12.66 -5.72 -7.56
C LEU A 94 -13.50 -4.45 -7.51
N VAL A 95 -13.59 -3.76 -8.64
CA VAL A 95 -14.26 -2.46 -8.64
C VAL A 95 -15.75 -2.60 -8.40
N GLU A 96 -16.36 -3.61 -9.02
CA GLU A 96 -17.79 -3.82 -8.81
C GLU A 96 -18.08 -4.17 -7.35
N ASP A 97 -17.23 -5.01 -6.76
CA ASP A 97 -17.40 -5.40 -5.36
C ASP A 97 -17.33 -4.15 -4.50
N TYR A 98 -16.31 -3.34 -4.74
CA TYR A 98 -16.13 -2.09 -4.02
C TYR A 98 -17.35 -1.20 -4.12
N PHE A 99 -17.78 -0.89 -5.34
CA PHE A 99 -18.93 0.00 -5.56
C PHE A 99 -20.18 -0.51 -4.88
N LYS A 100 -20.44 -1.81 -5.03
CA LYS A 100 -21.68 -2.39 -4.52
C LYS A 100 -21.72 -2.49 -2.99
N ASN A 101 -20.55 -2.67 -2.38
CA ASN A 101 -20.49 -2.98 -0.95
C ASN A 101 -19.93 -1.91 -0.01
N ARG A 102 -19.15 -0.97 -0.53
CA ARG A 102 -18.55 0.04 0.33
C ARG A 102 -19.52 1.18 0.62
N TRP A 103 -20.40 0.98 1.59
CA TRP A 103 -21.43 1.95 1.93
C TRP A 103 -20.88 3.30 2.41
N SER A 104 -19.68 3.29 2.99
CA SER A 104 -19.07 4.52 3.50
C SER A 104 -18.36 5.38 2.43
N LEU A 105 -18.36 4.91 1.19
CA LEU A 105 -17.83 5.70 0.07
C LEU A 105 -18.66 6.97 -0.12
N GLN A 106 -18.02 8.14 0.00
CA GLN A 106 -18.72 9.42 -0.12
C GLN A 106 -18.70 10.01 -1.54
N MET A 107 -17.65 9.70 -2.30
CA MET A 107 -17.48 10.33 -3.61
C MET A 107 -16.41 9.59 -4.41
N VAL A 108 -16.69 9.36 -5.69
CA VAL A 108 -15.66 8.91 -6.61
C VAL A 108 -15.20 10.04 -7.49
N PHE A 109 -13.88 10.21 -7.58
CA PHE A 109 -13.29 11.16 -8.49
C PHE A 109 -12.85 10.42 -9.74
N LEU A 110 -13.52 10.72 -10.85
CA LEU A 110 -13.26 10.09 -12.13
C LEU A 110 -12.29 10.98 -12.91
N LEU A 111 -11.05 10.52 -13.04
CA LEU A 111 -10.01 11.27 -13.73
C LEU A 111 -10.12 11.00 -15.22
N VAL A 112 -10.12 12.07 -16.01
CA VAL A 112 -10.07 11.94 -17.46
C VAL A 112 -9.08 12.97 -18.02
N ASP A 113 -8.37 12.59 -19.08
CA ASP A 113 -7.33 13.43 -19.68
C ASP A 113 -7.95 14.74 -20.18
N GLY A 114 -7.49 15.86 -19.64
CA GLY A 114 -7.98 17.15 -20.07
C GLY A 114 -7.66 17.50 -21.52
N ARG A 115 -6.63 16.87 -22.06
CA ARG A 115 -6.11 17.26 -23.36
C ARG A 115 -6.98 16.85 -24.52
N ILE A 116 -7.83 15.85 -24.32
CA ILE A 116 -8.69 15.37 -25.38
C ILE A 116 -10.14 15.30 -24.88
N PRO A 117 -11.10 15.19 -25.81
CA PRO A 117 -12.51 15.15 -25.40
C PRO A 117 -12.81 13.89 -24.58
N PRO A 118 -13.97 13.88 -23.90
CA PRO A 118 -14.35 12.67 -23.15
C PRO A 118 -14.46 11.48 -24.10
N GLN A 119 -14.04 10.30 -23.65
CA GLN A 119 -13.98 9.14 -24.51
C GLN A 119 -14.97 8.06 -24.07
N ASP A 120 -15.28 7.12 -24.95
CA ASP A 120 -16.31 6.13 -24.69
C ASP A 120 -16.18 5.36 -23.37
N SER A 121 -14.97 4.89 -23.05
CA SER A 121 -14.81 4.12 -21.82
C SER A 121 -15.04 4.97 -20.58
N ASP A 122 -14.72 6.26 -20.65
CA ASP A 122 -15.06 7.16 -19.56
C ASP A 122 -16.57 7.30 -19.44
N LEU A 123 -17.25 7.44 -20.58
CA LEU A 123 -18.70 7.59 -20.55
C LEU A 123 -19.35 6.31 -20.03
N MET A 124 -18.79 5.16 -20.39
CA MET A 124 -19.27 3.89 -19.85
C MET A 124 -19.12 3.87 -18.33
N MET A 125 -18.00 4.39 -17.82
CA MET A 125 -17.78 4.47 -16.37
C MET A 125 -18.85 5.32 -15.71
N VAL A 126 -19.13 6.47 -16.31
CA VAL A 126 -20.17 7.38 -15.84
C VAL A 126 -21.54 6.69 -15.77
N GLU A 127 -21.92 6.01 -16.84
CA GLU A 127 -23.20 5.32 -16.87
C GLU A 127 -23.28 4.27 -15.79
N TRP A 128 -22.18 3.55 -15.58
CA TRP A 128 -22.14 2.47 -14.59
C TRP A 128 -22.35 2.99 -13.17
N MET A 129 -21.59 4.02 -12.80
CA MET A 129 -21.73 4.59 -11.46
C MET A 129 -23.12 5.17 -11.25
N LYS A 130 -23.67 5.80 -12.28
CA LYS A 130 -25.05 6.29 -12.20
C LYS A 130 -26.00 5.14 -11.89
N SER A 131 -25.81 4.02 -12.58
CA SER A 131 -26.67 2.85 -12.40
C SER A 131 -26.55 2.24 -11.00
N LEU A 132 -25.39 2.44 -10.36
CA LEU A 132 -25.16 1.90 -9.02
C LEU A 132 -25.40 2.96 -7.96
N ASN A 133 -25.90 4.12 -8.38
CA ASN A 133 -26.12 5.22 -7.45
C ASN A 133 -24.85 5.67 -6.74
N ILE A 134 -23.73 5.69 -7.46
CA ILE A 134 -22.46 6.11 -6.88
C ILE A 134 -22.21 7.58 -7.24
N PRO A 135 -22.01 8.44 -6.24
CA PRO A 135 -21.74 9.84 -6.53
C PRO A 135 -20.36 9.99 -7.13
N PHE A 136 -20.19 10.91 -8.08
CA PHE A 136 -18.86 11.11 -8.67
C PHE A 136 -18.62 12.57 -9.09
N THR A 137 -17.35 12.91 -9.16
CA THR A 137 -16.88 14.22 -9.59
C THR A 137 -15.87 14.00 -10.70
N ILE A 138 -15.93 14.81 -11.76
CA ILE A 138 -14.97 14.67 -12.84
C ILE A 138 -13.72 15.50 -12.56
N VAL A 139 -12.56 14.90 -12.70
CA VAL A 139 -11.29 15.60 -12.54
C VAL A 139 -10.56 15.50 -13.85
N LEU A 140 -10.27 16.64 -14.46
CA LEU A 140 -9.48 16.66 -15.68
C LEU A 140 -8.01 16.66 -15.27
N THR A 141 -7.19 15.86 -15.95
CA THR A 141 -5.76 15.80 -15.62
C THR A 141 -4.91 16.44 -16.72
N LYS A 142 -3.66 16.71 -16.40
CA LYS A 142 -2.65 17.11 -17.38
C LYS A 142 -2.99 18.43 -18.07
N MET A 143 -3.63 19.34 -17.34
CA MET A 143 -4.07 20.60 -17.92
C MET A 143 -2.89 21.47 -18.35
N ASP A 144 -1.71 21.22 -17.79
CA ASP A 144 -0.53 22.01 -18.10
C ASP A 144 -0.09 21.82 -19.54
N LYS A 145 -0.54 20.74 -20.16
CA LYS A 145 -0.20 20.45 -21.56
C LYS A 145 -1.20 21.02 -22.55
N VAL A 146 -2.26 21.64 -22.04
CA VAL A 146 -3.29 22.23 -22.90
C VAL A 146 -2.85 23.64 -23.27
N LYS A 147 -2.79 23.94 -24.56
CA LYS A 147 -2.36 25.26 -25.04
C LYS A 147 -3.28 26.31 -24.45
N MET A 148 -2.72 27.42 -23.98
CA MET A 148 -3.54 28.43 -23.30
C MET A 148 -4.68 28.88 -24.20
N SER A 149 -4.43 28.89 -25.50
CA SER A 149 -5.42 29.38 -26.45
C SER A 149 -6.51 28.35 -26.70
N GLU A 150 -6.30 27.11 -26.27
CA GLU A 150 -7.28 26.06 -26.50
C GLU A 150 -8.02 25.64 -25.24
N ARG A 151 -7.63 26.20 -24.10
CA ARG A 151 -8.21 25.82 -22.81
C ARG A 151 -9.72 26.02 -22.77
N ALA A 152 -10.19 27.16 -23.26
CA ALA A 152 -11.62 27.47 -23.23
C ALA A 152 -12.46 26.45 -24.00
N LYS A 153 -12.11 26.21 -25.26
CA LYS A 153 -12.82 25.24 -26.08
C LYS A 153 -12.89 23.88 -25.37
N LYS A 154 -11.74 23.38 -24.98
CA LYS A 154 -11.65 22.03 -24.41
C LYS A 154 -12.43 21.86 -23.10
N LEU A 155 -12.40 22.88 -22.25
CA LEU A 155 -13.16 22.85 -21.00
C LEU A 155 -14.66 22.85 -21.27
N GLU A 156 -15.08 23.64 -22.24
CA GLU A 156 -16.49 23.67 -22.61
C GLU A 156 -16.93 22.30 -23.13
N GLU A 157 -16.07 21.67 -23.93
CA GLU A 157 -16.36 20.35 -24.47
C GLU A 157 -16.62 19.32 -23.37
N HIS A 158 -15.73 19.27 -22.38
CA HIS A 158 -15.95 18.38 -21.25
C HIS A 158 -17.23 18.71 -20.49
N ARG A 159 -17.49 20.00 -20.33
CA ARG A 159 -18.70 20.43 -19.64
C ARG A 159 -19.94 19.97 -20.42
N LYS A 160 -19.95 20.26 -21.72
CA LYS A 160 -21.07 19.89 -22.59
C LYS A 160 -21.35 18.39 -22.55
N VAL A 161 -20.33 17.59 -22.81
CA VAL A 161 -20.50 16.15 -22.83
C VAL A 161 -20.99 15.61 -21.49
N PHE A 162 -20.30 15.95 -20.42
CA PHE A 162 -20.65 15.39 -19.11
C PHE A 162 -21.96 15.95 -18.55
N SER A 163 -22.50 16.98 -19.20
CA SER A 163 -23.78 17.54 -18.76
C SER A 163 -24.98 16.75 -19.30
N LYS A 164 -24.80 16.10 -20.45
CA LYS A 164 -25.82 15.19 -20.97
C LYS A 164 -26.07 14.04 -20.00
N TYR A 165 -25.15 13.85 -19.06
CA TYR A 165 -25.25 12.81 -18.03
C TYR A 165 -25.43 13.47 -16.67
N GLY A 166 -24.94 12.80 -15.62
CA GLY A 166 -24.96 13.36 -14.27
C GLY A 166 -23.57 13.48 -13.68
N GLU A 167 -23.38 14.39 -12.72
CA GLU A 167 -22.06 14.63 -12.13
C GLU A 167 -22.15 15.57 -10.91
N TYR A 168 -21.07 15.65 -10.14
CA TYR A 168 -21.03 16.51 -8.95
C TYR A 168 -20.46 17.89 -9.28
N THR A 169 -19.44 17.90 -10.13
CA THR A 169 -18.77 19.11 -10.59
C THR A 169 -17.61 18.65 -11.48
N ILE A 170 -16.92 19.59 -12.11
CA ILE A 170 -15.73 19.28 -12.92
C ILE A 170 -14.57 20.15 -12.48
N ILE A 171 -13.46 19.53 -12.11
CA ILE A 171 -12.28 20.26 -11.65
C ILE A 171 -11.07 19.97 -12.52
N PRO A 172 -10.60 20.99 -13.26
CA PRO A 172 -9.38 20.79 -14.04
C PRO A 172 -8.17 20.78 -13.12
N THR A 173 -7.24 19.86 -13.34
CA THR A 173 -6.03 19.80 -12.53
C THR A 173 -4.78 19.60 -13.36
N SER A 174 -3.65 19.94 -12.75
CA SER A 174 -2.34 19.54 -13.25
C SER A 174 -1.45 19.18 -12.06
N SER A 175 -0.91 17.96 -12.07
CA SER A 175 0.02 17.57 -11.02
C SER A 175 1.35 18.27 -11.21
N VAL A 176 1.55 18.85 -12.39
CA VAL A 176 2.78 19.57 -12.69
C VAL A 176 2.74 21.01 -12.15
N THR A 177 1.70 21.77 -12.49
CA THR A 177 1.63 23.16 -12.07
C THR A 177 0.92 23.36 -10.75
N GLY A 178 0.08 22.40 -10.36
CA GLY A 178 -0.71 22.55 -9.15
C GLY A 178 -2.10 23.08 -9.40
N GLU A 179 -2.42 23.37 -10.66
CA GLU A 179 -3.76 23.81 -11.01
C GLU A 179 -4.77 22.84 -10.39
N GLY A 180 -5.75 23.38 -9.69
CA GLY A 180 -6.88 22.62 -9.19
C GLY A 180 -6.63 21.76 -7.96
N ILE A 181 -5.36 21.56 -7.59
CA ILE A 181 -5.05 20.66 -6.50
C ILE A 181 -5.66 21.15 -5.19
N SER A 182 -5.49 22.43 -4.89
CA SER A 182 -6.04 22.98 -3.67
C SER A 182 -7.57 22.99 -3.68
N GLU A 183 -8.16 23.24 -4.85
CA GLU A 183 -9.61 23.18 -4.98
C GLU A 183 -10.14 21.77 -4.74
N LEU A 184 -9.42 20.77 -5.23
CA LEU A 184 -9.82 19.37 -5.04
C LEU A 184 -9.71 18.97 -3.57
N LEU A 185 -8.61 19.37 -2.93
CA LEU A 185 -8.42 19.16 -1.50
C LEU A 185 -9.57 19.73 -0.68
N ASP A 186 -9.95 20.97 -0.95
CA ASP A 186 -11.04 21.61 -0.20
C ASP A 186 -12.36 20.85 -0.37
N LEU A 187 -12.67 20.44 -1.60
CA LEU A 187 -13.91 19.73 -1.85
C LEU A 187 -13.92 18.41 -1.08
N ILE A 188 -12.79 17.72 -1.09
CA ILE A 188 -12.65 16.48 -0.34
C ILE A 188 -12.86 16.69 1.15
N SER A 189 -12.21 17.71 1.71
CA SER A 189 -12.36 18.00 3.13
C SER A 189 -13.83 18.27 3.47
N THR A 190 -14.52 19.00 2.61
CA THR A 190 -15.95 19.26 2.80
C THR A 190 -16.79 17.99 2.78
N LEU A 191 -16.56 17.15 1.76
CA LEU A 191 -17.30 15.89 1.63
C LEU A 191 -17.08 14.96 2.83
N LEU A 192 -15.87 14.96 3.37
CA LEU A 192 -15.51 14.06 4.46
C LEU A 192 -15.98 14.56 5.82
N LYS A 193 -16.05 15.86 5.99
CA LYS A 193 -16.36 16.44 7.29
C LYS A 193 -17.81 16.92 7.38
N ILE B 2 5.53 -14.58 -7.49
CA ILE B 2 6.02 -15.18 -6.25
C ILE B 2 7.39 -15.82 -6.46
N ILE B 3 7.90 -16.46 -5.43
CA ILE B 3 9.27 -16.96 -5.40
C ILE B 3 9.55 -18.04 -6.44
N ARG B 4 10.67 -17.89 -7.14
CA ARG B 4 11.21 -18.96 -8.00
C ARG B 4 12.47 -19.51 -7.35
N ASP B 5 13.34 -18.61 -6.89
CA ASP B 5 14.56 -19.00 -6.18
C ASP B 5 15.01 -17.95 -5.17
N VAL B 6 15.72 -18.38 -4.14
CA VAL B 6 16.16 -17.50 -3.07
C VAL B 6 17.62 -17.73 -2.74
N GLU B 7 18.31 -16.67 -2.35
CA GLU B 7 19.74 -16.74 -2.06
C GLU B 7 20.19 -15.57 -1.18
N LEU B 8 20.98 -15.86 -0.15
CA LEU B 8 21.53 -14.80 0.70
C LEU B 8 22.76 -14.17 0.07
N VAL B 9 22.66 -12.88 -0.28
CA VAL B 9 23.75 -12.21 -0.99
C VAL B 9 24.52 -11.15 -0.19
N LYS B 10 23.98 -10.70 0.94
CA LYS B 10 24.67 -9.66 1.71
C LYS B 10 24.32 -9.63 3.19
N VAL B 11 25.36 -9.60 4.03
CA VAL B 11 25.19 -9.44 5.47
C VAL B 11 25.75 -8.07 5.87
N ALA B 12 24.86 -7.12 6.12
CA ALA B 12 25.25 -5.74 6.37
C ALA B 12 25.27 -5.39 7.86
N ARG B 13 26.43 -4.95 8.34
CA ARG B 13 26.57 -4.55 9.74
C ARG B 13 26.84 -3.05 9.81
N THR B 14 27.34 -2.51 8.71
CA THR B 14 27.66 -1.10 8.62
C THR B 14 26.57 -0.38 7.84
N PRO B 15 26.00 0.67 8.44
CA PRO B 15 25.00 1.49 7.76
C PRO B 15 25.49 1.92 6.39
N GLY B 16 24.69 1.68 5.36
CA GLY B 16 25.07 2.04 4.00
C GLY B 16 25.54 0.85 3.18
N ASP B 17 25.98 -0.20 3.88
CA ASP B 17 26.57 -1.36 3.23
C ASP B 17 25.50 -2.26 2.61
N TYR B 18 24.75 -1.73 1.65
CA TYR B 18 23.60 -2.44 1.09
C TYR B 18 23.86 -2.87 -0.35
N PRO B 19 23.35 -4.06 -0.74
CA PRO B 19 23.42 -4.48 -2.15
C PRO B 19 22.60 -3.53 -3.03
N PRO B 20 22.82 -3.58 -4.35
CA PRO B 20 22.06 -2.74 -5.29
C PRO B 20 20.55 -2.96 -5.15
N PRO B 21 19.79 -1.86 -5.10
CA PRO B 21 18.34 -1.92 -4.87
C PRO B 21 17.58 -2.80 -5.86
N LEU B 22 17.98 -2.81 -7.13
CA LEU B 22 17.25 -3.58 -8.13
C LEU B 22 15.76 -3.23 -8.13
N LYS B 23 14.90 -4.24 -8.18
CA LYS B 23 13.49 -4.00 -8.51
C LYS B 23 12.58 -3.73 -7.31
N GLY B 24 13.14 -3.78 -6.10
CA GLY B 24 12.38 -3.48 -4.90
C GLY B 24 12.51 -4.54 -3.83
N GLU B 25 12.07 -4.22 -2.62
CA GLU B 25 12.20 -5.16 -1.52
C GLU B 25 11.13 -4.98 -0.46
N VAL B 26 10.98 -6.01 0.37
CA VAL B 26 10.21 -5.91 1.59
C VAL B 26 11.11 -6.35 2.74
N ALA B 27 10.82 -5.88 3.95
CA ALA B 27 11.66 -6.18 5.10
C ALA B 27 10.83 -6.77 6.22
N PHE B 28 11.50 -7.46 7.13
CA PHE B 28 10.87 -8.12 8.26
C PHE B 28 11.59 -7.71 9.53
N VAL B 29 10.84 -7.44 10.60
CA VAL B 29 11.42 -7.04 11.88
C VAL B 29 10.45 -7.37 13.01
N GLY B 30 10.98 -7.51 14.23
CA GLY B 30 10.17 -7.84 15.38
C GLY B 30 11.04 -8.09 16.59
N ARG B 31 10.45 -8.40 17.73
CA ARG B 31 11.24 -8.68 18.93
C ARG B 31 12.13 -9.91 18.69
N SER B 32 13.33 -9.92 19.26
CA SER B 32 14.13 -11.14 19.22
C SER B 32 13.29 -12.28 19.78
N ASN B 33 13.38 -13.43 19.14
CA ASN B 33 12.66 -14.65 19.53
C ASN B 33 11.20 -14.73 19.10
N VAL B 34 10.75 -13.72 18.36
CA VAL B 34 9.36 -13.67 17.90
C VAL B 34 9.07 -14.74 16.86
N GLY B 35 10.14 -15.26 16.22
CA GLY B 35 10.01 -16.30 15.21
C GLY B 35 10.34 -15.81 13.80
N LYS B 36 11.18 -14.79 13.71
CA LYS B 36 11.51 -14.19 12.42
C LYS B 36 12.32 -15.13 11.50
N SER B 37 13.34 -15.78 12.06
CA SER B 37 14.09 -16.75 11.26
C SER B 37 13.17 -17.86 10.75
N SER B 38 12.32 -18.35 11.63
CA SER B 38 11.41 -19.45 11.28
C SER B 38 10.42 -19.05 10.21
N LEU B 39 9.97 -17.79 10.26
CA LEU B 39 9.03 -17.29 9.25
C LEU B 39 9.72 -17.19 7.88
N LEU B 40 10.92 -16.64 7.86
CA LEU B 40 11.68 -16.56 6.62
C LEU B 40 11.93 -17.94 6.02
N ASN B 41 12.27 -18.91 6.85
CA ASN B 41 12.47 -20.27 6.36
C ASN B 41 11.20 -20.83 5.76
N ALA B 42 10.07 -20.54 6.41
CA ALA B 42 8.76 -20.96 5.91
C ALA B 42 8.41 -20.31 4.57
N LEU B 43 8.70 -19.02 4.44
CA LEU B 43 8.46 -18.29 3.19
C LEU B 43 9.34 -18.80 2.04
N PHE B 44 10.58 -19.17 2.36
CA PHE B 44 11.54 -19.65 1.37
C PHE B 44 11.36 -21.12 1.03
N ASN B 45 10.42 -21.77 1.72
CA ASN B 45 10.12 -23.18 1.56
C ASN B 45 10.40 -23.73 0.15
N ARG B 46 11.33 -24.68 0.06
CA ARG B 46 11.59 -25.39 -1.20
C ARG B 46 12.08 -24.53 -2.35
N LYS B 47 12.57 -23.32 -2.06
CA LYS B 47 13.04 -22.45 -3.13
C LYS B 47 14.34 -21.75 -2.76
N ILE B 48 14.90 -22.10 -1.61
CA ILE B 48 16.17 -21.52 -1.19
C ILE B 48 17.30 -22.54 -1.33
N ALA B 49 18.32 -22.20 -2.11
CA ALA B 49 19.44 -23.09 -2.32
C ALA B 49 20.58 -22.76 -1.36
N PHE B 50 21.39 -23.76 -1.03
CA PHE B 50 22.50 -23.58 -0.12
C PHE B 50 23.54 -22.63 -0.70
N VAL B 51 23.92 -21.63 0.09
CA VAL B 51 25.01 -20.74 -0.29
C VAL B 51 26.04 -20.76 0.83
N SER B 52 27.22 -20.22 0.57
CA SER B 52 28.30 -20.28 1.55
C SER B 52 28.16 -19.22 2.65
N LYS B 53 27.62 -18.06 2.28
CA LYS B 53 27.35 -17.00 3.26
C LYS B 53 26.36 -17.49 4.30
N THR B 54 26.49 -17.01 5.53
CA THR B 54 25.54 -17.36 6.58
C THR B 54 24.93 -16.11 7.22
N PRO B 55 23.62 -16.15 7.53
CA PRO B 55 22.91 -14.98 8.03
C PRO B 55 23.54 -14.42 9.32
N GLY B 56 23.55 -13.09 9.43
CA GLY B 56 24.03 -12.43 10.63
C GLY B 56 23.06 -12.67 11.77
N LYS B 57 23.60 -12.81 12.98
CA LYS B 57 22.81 -13.25 14.11
C LYS B 57 21.99 -12.16 14.79
N THR B 58 22.56 -10.95 14.94
CA THR B 58 21.92 -9.94 15.76
C THR B 58 22.23 -8.50 15.36
N ARG B 59 23.45 -8.23 14.94
CA ARG B 59 23.89 -6.86 14.70
C ARG B 59 23.89 -6.52 13.21
N SER B 60 23.13 -7.26 12.41
CA SER B 60 23.20 -7.07 10.97
C SER B 60 21.86 -7.14 10.24
N ILE B 61 21.85 -6.61 9.03
CA ILE B 61 20.72 -6.72 8.12
C ILE B 61 21.08 -7.77 7.06
N ASN B 62 20.26 -8.81 6.95
CA ASN B 62 20.48 -9.85 5.94
C ASN B 62 19.63 -9.64 4.69
N PHE B 63 20.29 -9.52 3.54
CA PHE B 63 19.60 -9.32 2.28
C PHE B 63 19.46 -10.63 1.50
N TYR B 64 18.23 -11.08 1.31
CA TYR B 64 17.97 -12.27 0.52
C TYR B 64 17.49 -11.90 -0.87
N LEU B 65 18.30 -12.22 -1.87
CA LEU B 65 17.95 -11.95 -3.26
C LEU B 65 16.93 -12.98 -3.76
N VAL B 66 15.79 -12.51 -4.23
CA VAL B 66 14.70 -13.37 -4.68
C VAL B 66 14.46 -13.18 -6.17
N ASN B 67 14.49 -14.26 -6.93
CA ASN B 67 14.31 -14.19 -8.39
C ASN B 67 15.26 -13.20 -9.06
N SER B 68 16.37 -12.90 -8.41
CA SER B 68 17.39 -12.01 -8.98
C SER B 68 16.91 -10.58 -9.24
N LYS B 69 15.72 -10.24 -8.73
CA LYS B 69 15.18 -8.91 -8.97
C LYS B 69 14.66 -8.20 -7.72
N TYR B 70 14.30 -8.97 -6.69
CA TYR B 70 13.77 -8.39 -5.45
C TYR B 70 14.56 -8.86 -4.22
N TYR B 71 14.39 -8.18 -3.08
CA TYR B 71 14.96 -8.67 -1.83
C TYR B 71 13.90 -8.91 -0.75
N PHE B 72 14.14 -9.94 0.06
CA PHE B 72 13.49 -10.06 1.36
C PHE B 72 14.56 -9.66 2.36
N VAL B 73 14.28 -8.66 3.17
CA VAL B 73 15.31 -8.10 4.00
C VAL B 73 15.05 -8.41 5.46
N ASP B 74 16.00 -9.12 6.06
CA ASP B 74 15.90 -9.53 7.45
C ASP B 74 16.55 -8.51 8.37
N LEU B 75 15.73 -7.73 9.07
CA LEU B 75 16.25 -6.72 10.00
C LEU B 75 16.51 -7.35 11.37
N PRO B 76 17.51 -6.82 12.09
CA PRO B 76 17.84 -7.39 13.39
C PRO B 76 16.73 -7.16 14.42
N GLY B 77 16.42 -8.18 15.20
CA GLY B 77 15.36 -8.07 16.19
C GLY B 77 15.73 -7.15 17.34
N TYR B 78 14.71 -6.65 18.03
CA TYR B 78 14.92 -5.74 19.14
C TYR B 78 14.56 -6.40 20.47
N GLY B 79 15.00 -5.80 21.57
CA GLY B 79 14.64 -6.23 22.91
C GLY B 79 14.87 -7.69 23.28
N TYR B 80 14.02 -8.20 24.16
CA TYR B 80 14.06 -9.59 24.63
C TYR B 80 15.26 -9.90 25.53
N ALA B 81 16.46 -9.91 24.96
CA ALA B 81 17.65 -10.16 25.76
C ALA B 81 17.99 -8.92 26.58
N LYS B 82 19.03 -9.02 27.40
CA LYS B 82 19.58 -7.86 28.09
C LYS B 82 20.57 -7.22 27.13
N VAL B 83 20.23 -6.05 26.60
CA VAL B 83 21.01 -5.44 25.55
C VAL B 83 21.77 -4.21 26.05
N SER B 84 23.08 -4.19 25.82
CA SER B 84 23.92 -3.08 26.25
C SER B 84 23.57 -1.79 25.50
N LYS B 85 23.72 -0.65 26.17
CA LYS B 85 23.42 0.64 25.57
C LYS B 85 24.20 0.80 24.26
N LYS B 86 25.44 0.32 24.25
CA LYS B 86 26.25 0.32 23.04
C LYS B 86 25.49 -0.33 21.89
N GLU B 87 25.14 -1.60 22.08
CA GLU B 87 24.51 -2.39 21.02
C GLU B 87 23.10 -1.87 20.72
N ARG B 88 22.44 -1.31 21.72
CA ARG B 88 21.10 -0.77 21.57
C ARG B 88 21.13 0.46 20.65
N MET B 89 22.04 1.39 20.95
CA MET B 89 22.21 2.59 20.13
C MET B 89 22.60 2.22 18.71
N LEU B 90 23.43 1.19 18.57
CA LEU B 90 23.91 0.76 17.27
C LEU B 90 22.78 0.14 16.45
N TRP B 91 21.89 -0.55 17.15
CA TRP B 91 20.71 -1.13 16.51
C TRP B 91 19.90 -0.02 15.85
N LYS B 92 19.54 0.99 16.63
CA LYS B 92 18.73 2.09 16.12
C LYS B 92 19.43 2.77 14.94
N ARG B 93 20.73 2.99 15.07
CA ARG B 93 21.48 3.65 14.01
C ARG B 93 21.47 2.84 12.72
N LEU B 94 21.60 1.53 12.85
CA LEU B 94 21.55 0.64 11.68
C LEU B 94 20.18 0.65 11.02
N VAL B 95 19.13 0.38 11.80
CA VAL B 95 17.79 0.30 11.24
C VAL B 95 17.29 1.66 10.74
N GLU B 96 17.60 2.73 11.46
CA GLU B 96 17.21 4.08 11.03
C GLU B 96 17.83 4.42 9.67
N ASP B 97 19.12 4.17 9.53
CA ASP B 97 19.77 4.41 8.24
C ASP B 97 19.08 3.62 7.14
N TYR B 98 18.69 2.39 7.43
CA TYR B 98 18.04 1.56 6.43
C TYR B 98 16.70 2.17 6.04
N PHE B 99 15.89 2.51 7.05
CA PHE B 99 14.58 3.12 6.81
C PHE B 99 14.69 4.43 6.04
N LYS B 100 15.63 5.28 6.45
CA LYS B 100 15.74 6.59 5.82
C LYS B 100 16.30 6.55 4.40
N ASN B 101 17.24 5.65 4.16
CA ASN B 101 18.00 5.67 2.91
C ASN B 101 17.54 4.68 1.83
N ARG B 102 16.86 3.63 2.25
CA ARG B 102 16.44 2.59 1.32
C ARG B 102 15.07 2.90 0.70
N TRP B 103 15.05 3.78 -0.29
CA TRP B 103 13.81 4.27 -0.89
C TRP B 103 12.99 3.21 -1.62
N SER B 104 13.62 2.11 -2.01
CA SER B 104 12.97 1.04 -2.75
C SER B 104 12.24 0.04 -1.82
N LEU B 105 12.28 0.29 -0.53
CA LEU B 105 11.54 -0.52 0.45
C LEU B 105 10.04 -0.29 0.29
N GLN B 106 9.29 -1.36 0.01
CA GLN B 106 7.87 -1.27 -0.30
C GLN B 106 6.96 -1.58 0.89
N MET B 107 7.46 -2.36 1.83
CA MET B 107 6.65 -2.77 2.98
C MET B 107 7.53 -3.39 4.05
N VAL B 108 7.29 -3.00 5.30
CA VAL B 108 7.88 -3.71 6.43
C VAL B 108 6.83 -4.62 7.06
N PHE B 109 7.22 -5.86 7.33
CA PHE B 109 6.36 -6.76 8.08
C PHE B 109 6.83 -6.79 9.53
N LEU B 110 5.99 -6.28 10.42
CA LEU B 110 6.29 -6.25 11.85
C LEU B 110 5.70 -7.50 12.51
N LEU B 111 6.57 -8.39 12.96
CA LEU B 111 6.14 -9.66 13.53
C LEU B 111 5.93 -9.46 15.01
N VAL B 112 4.79 -9.93 15.51
CA VAL B 112 4.49 -9.92 16.93
C VAL B 112 3.90 -11.27 17.35
N ASP B 113 4.31 -11.75 18.51
CA ASP B 113 3.84 -13.02 19.06
C ASP B 113 2.33 -13.00 19.15
N GLY B 114 1.67 -13.93 18.49
CA GLY B 114 0.21 -13.97 18.49
C GLY B 114 -0.39 -14.38 19.83
N ARG B 115 0.40 -15.05 20.66
CA ARG B 115 -0.10 -15.63 21.92
C ARG B 115 -0.34 -14.61 23.03
N ILE B 116 0.25 -13.43 22.91
CA ILE B 116 0.05 -12.37 23.89
C ILE B 116 -0.32 -11.08 23.19
N PRO B 117 -0.84 -10.08 23.93
CA PRO B 117 -1.21 -8.85 23.24
C PRO B 117 0.04 -8.15 22.72
N PRO B 118 -0.13 -7.19 21.80
CA PRO B 118 1.00 -6.39 21.32
C PRO B 118 1.60 -5.67 22.51
N GLN B 119 2.92 -5.51 22.53
CA GLN B 119 3.60 -4.97 23.70
C GLN B 119 4.23 -3.61 23.37
N ASP B 120 4.66 -2.90 24.42
CA ASP B 120 5.10 -1.51 24.25
C ASP B 120 6.18 -1.32 23.18
N SER B 121 7.18 -2.19 23.14
CA SER B 121 8.25 -2.04 22.15
C SER B 121 7.74 -2.28 20.72
N ASP B 122 6.73 -3.13 20.56
CA ASP B 122 6.09 -3.29 19.25
C ASP B 122 5.37 -2.01 18.85
N LEU B 123 4.65 -1.42 19.79
CA LEU B 123 3.89 -0.21 19.49
C LEU B 123 4.85 0.96 19.23
N MET B 124 5.99 0.95 19.90
CA MET B 124 7.05 1.92 19.63
CA MET B 124 7.04 1.93 19.62
C MET B 124 7.55 1.79 18.18
N MET B 125 7.66 0.55 17.71
CA MET B 125 8.07 0.32 16.33
C MET B 125 7.04 0.89 15.36
N VAL B 126 5.76 0.69 15.69
CA VAL B 126 4.66 1.23 14.89
C VAL B 126 4.75 2.76 14.78
N GLU B 127 4.91 3.43 15.91
CA GLU B 127 4.95 4.89 15.93
C GLU B 127 6.17 5.42 15.18
N TRP B 128 7.31 4.75 15.37
CA TRP B 128 8.54 5.11 14.68
C TRP B 128 8.41 4.98 13.16
N MET B 129 7.92 3.85 12.67
CA MET B 129 7.75 3.68 11.23
C MET B 129 6.79 4.72 10.65
N LYS B 130 5.71 4.98 11.38
CA LYS B 130 4.79 6.05 10.98
C LYS B 130 5.51 7.40 10.87
N SER B 131 6.38 7.68 11.84
CA SER B 131 7.08 8.97 11.86
C SER B 131 8.07 9.06 10.70
N LEU B 132 8.51 7.92 10.17
CA LEU B 132 9.46 7.89 9.06
C LEU B 132 8.78 7.61 7.72
N ASN B 133 7.46 7.60 7.74
CA ASN B 133 6.65 7.34 6.55
C ASN B 133 6.99 6.00 5.90
N ILE B 134 7.22 4.99 6.74
CA ILE B 134 7.47 3.64 6.27
C ILE B 134 6.19 2.81 6.35
N PRO B 135 5.76 2.21 5.24
CA PRO B 135 4.54 1.39 5.24
C PRO B 135 4.79 0.08 5.98
N PHE B 136 3.81 -0.39 6.74
CA PHE B 136 3.97 -1.66 7.44
C PHE B 136 2.69 -2.49 7.51
N THR B 137 2.89 -3.80 7.73
CA THR B 137 1.81 -4.77 7.85
C THR B 137 2.14 -5.60 9.08
N ILE B 138 1.14 -5.97 9.86
CA ILE B 138 1.37 -6.74 11.07
C ILE B 138 1.28 -8.23 10.78
N VAL B 139 2.25 -8.98 11.27
CA VAL B 139 2.24 -10.44 11.15
C VAL B 139 2.23 -11.02 12.55
N LEU B 140 1.20 -11.80 12.88
CA LEU B 140 1.22 -12.51 14.16
C LEU B 140 1.93 -13.85 13.94
N THR B 141 2.85 -14.18 14.85
CA THR B 141 3.57 -15.46 14.78
C THR B 141 3.03 -16.48 15.79
N LYS B 142 3.40 -17.74 15.59
CA LYS B 142 3.18 -18.80 16.57
C LYS B 142 1.70 -19.05 16.84
N MET B 143 0.86 -18.84 15.85
CA MET B 143 -0.59 -19.01 16.03
C MET B 143 -0.97 -20.45 16.35
N ASP B 144 -0.07 -21.40 16.07
CA ASP B 144 -0.38 -22.80 16.30
C ASP B 144 -0.38 -23.10 17.79
N LYS B 145 0.18 -22.19 18.59
CA LYS B 145 0.21 -22.36 20.05
C LYS B 145 -1.02 -21.75 20.73
N VAL B 146 -1.90 -21.15 19.94
CA VAL B 146 -3.14 -20.58 20.48
C VAL B 146 -4.32 -21.57 20.31
N LYS B 147 -4.92 -22.03 21.41
CA LYS B 147 -6.08 -22.92 21.31
C LYS B 147 -7.28 -22.25 20.66
N MET B 148 -8.07 -23.03 19.92
CA MET B 148 -9.20 -22.47 19.17
C MET B 148 -10.16 -21.72 20.09
N SER B 149 -10.21 -22.12 21.35
CA SER B 149 -11.15 -21.53 22.31
C SER B 149 -10.68 -20.14 22.77
N GLU B 150 -9.41 -19.82 22.51
CA GLU B 150 -8.87 -18.53 22.89
C GLU B 150 -8.50 -17.69 21.66
N ARG B 151 -8.52 -18.32 20.48
CA ARG B 151 -8.16 -17.63 19.24
C ARG B 151 -8.92 -16.34 19.04
N ALA B 152 -10.23 -16.42 19.17
CA ALA B 152 -11.09 -15.29 18.86
C ALA B 152 -10.78 -14.10 19.75
N LYS B 153 -10.68 -14.35 21.04
CA LYS B 153 -10.42 -13.29 22.00
C LYS B 153 -9.06 -12.65 21.75
N LYS B 154 -8.06 -13.47 21.48
CA LYS B 154 -6.72 -12.95 21.27
C LYS B 154 -6.61 -12.11 20.00
N LEU B 155 -7.25 -12.57 18.94
CA LEU B 155 -7.26 -11.81 17.69
C LEU B 155 -8.01 -10.49 17.86
N GLU B 156 -9.12 -10.51 18.60
CA GLU B 156 -9.85 -9.28 18.85
C GLU B 156 -8.98 -8.30 19.64
N GLU B 157 -8.25 -8.82 20.62
CA GLU B 157 -7.37 -7.99 21.42
C GLU B 157 -6.26 -7.36 20.56
N HIS B 158 -5.70 -8.15 19.65
CA HIS B 158 -4.70 -7.60 18.75
C HIS B 158 -5.29 -6.45 17.92
N ARG B 159 -6.46 -6.70 17.35
CA ARG B 159 -7.15 -5.68 16.55
C ARG B 159 -7.42 -4.42 17.37
N LYS B 160 -7.98 -4.59 18.56
CA LYS B 160 -8.29 -3.47 19.43
C LYS B 160 -7.07 -2.63 19.76
N VAL B 161 -5.99 -3.28 20.17
CA VAL B 161 -4.79 -2.55 20.58
C VAL B 161 -4.17 -1.77 19.41
N PHE B 162 -4.02 -2.41 18.26
CA PHE B 162 -3.47 -1.71 17.09
C PHE B 162 -4.41 -0.60 16.61
N SER B 163 -5.71 -0.79 16.76
CA SER B 163 -6.70 0.24 16.42
C SER B 163 -6.47 1.58 17.12
N LYS B 164 -5.74 1.57 18.23
CA LYS B 164 -5.46 2.83 18.91
C LYS B 164 -4.51 3.68 18.08
N TYR B 165 -3.83 3.06 17.12
CA TYR B 165 -2.77 3.75 16.37
C TYR B 165 -3.15 3.96 14.90
N GLY B 166 -4.05 3.13 14.41
CA GLY B 166 -4.50 3.19 13.04
C GLY B 166 -5.24 1.93 12.67
N GLU B 167 -5.48 1.74 11.37
CA GLU B 167 -6.17 0.52 10.92
C GLU B 167 -5.25 -0.24 9.99
N TYR B 168 -4.63 -1.29 10.52
CA TYR B 168 -3.59 -1.98 9.79
C TYR B 168 -3.97 -3.41 9.46
N THR B 169 -3.37 -3.93 8.39
CA THR B 169 -3.57 -5.31 8.02
C THR B 169 -2.86 -6.19 9.02
N ILE B 170 -3.56 -7.21 9.50
CA ILE B 170 -2.97 -8.16 10.42
C ILE B 170 -3.09 -9.57 9.84
N ILE B 171 -1.96 -10.25 9.70
CA ILE B 171 -1.93 -11.60 9.14
C ILE B 171 -1.43 -12.61 10.16
N PRO B 172 -2.35 -13.45 10.66
CA PRO B 172 -1.94 -14.51 11.60
C PRO B 172 -1.17 -15.57 10.83
N THR B 173 -0.04 -16.01 11.38
CA THR B 173 0.78 -17.02 10.74
C THR B 173 1.27 -18.04 11.74
N SER B 174 1.69 -19.19 11.21
CA SER B 174 2.41 -20.18 11.96
C SER B 174 3.43 -20.81 11.02
N SER B 175 4.70 -20.81 11.43
CA SER B 175 5.73 -21.45 10.62
C SER B 175 5.62 -22.97 10.75
N VAL B 176 4.80 -23.42 11.69
CA VAL B 176 4.61 -24.85 11.91
C VAL B 176 3.52 -25.44 11.01
N THR B 177 2.32 -24.87 11.07
CA THR B 177 1.18 -25.39 10.29
C THR B 177 1.08 -24.81 8.89
N GLY B 178 1.77 -23.69 8.65
CA GLY B 178 1.66 -22.99 7.38
C GLY B 178 0.55 -21.95 7.33
N GLU B 179 -0.15 -21.76 8.44
CA GLU B 179 -1.20 -20.74 8.49
C GLU B 179 -0.65 -19.40 8.03
N GLY B 180 -1.39 -18.73 7.14
CA GLY B 180 -1.09 -17.38 6.70
C GLY B 180 0.07 -17.22 5.73
N ILE B 181 0.79 -18.30 5.47
CA ILE B 181 1.99 -18.23 4.66
C ILE B 181 1.65 -17.89 3.20
N SER B 182 0.69 -18.61 2.62
CA SER B 182 0.35 -18.34 1.22
C SER B 182 -0.21 -16.92 1.05
N GLU B 183 -0.97 -16.45 2.05
CA GLU B 183 -1.52 -15.10 2.01
C GLU B 183 -0.40 -14.04 2.09
N LEU B 184 0.55 -14.25 3.00
CA LEU B 184 1.69 -13.36 3.11
C LEU B 184 2.45 -13.29 1.78
N LEU B 185 2.73 -14.45 1.18
CA LEU B 185 3.44 -14.50 -0.11
C LEU B 185 2.67 -13.81 -1.24
N ASP B 186 1.34 -13.93 -1.20
CA ASP B 186 0.52 -13.29 -2.22
C ASP B 186 0.59 -11.76 -2.10
N LEU B 187 0.47 -11.26 -0.88
CA LEU B 187 0.58 -9.83 -0.63
C LEU B 187 1.96 -9.33 -1.04
N ILE B 188 2.99 -10.07 -0.67
CA ILE B 188 4.35 -9.67 -1.02
C ILE B 188 4.52 -9.63 -2.54
N SER B 189 3.97 -10.63 -3.23
CA SER B 189 4.08 -10.67 -4.68
C SER B 189 3.50 -9.42 -5.32
N THR B 190 2.33 -9.03 -4.84
CA THR B 190 1.65 -7.85 -5.37
C THR B 190 2.44 -6.59 -5.08
N LEU B 191 2.91 -6.46 -3.84
CA LEU B 191 3.66 -5.26 -3.43
C LEU B 191 4.90 -5.06 -4.29
N LEU B 192 5.61 -6.14 -4.56
CA LEU B 192 6.83 -6.05 -5.35
C LEU B 192 6.54 -5.69 -6.80
N LYS B 193 5.56 -6.35 -7.39
CA LYS B 193 5.20 -6.12 -8.79
C LYS B 193 4.54 -4.75 -9.03
N GLU B 194 3.88 -4.22 -8.01
CA GLU B 194 3.14 -2.97 -8.16
C GLU B 194 4.01 -1.73 -8.16
N ASN B 195 5.22 -1.85 -7.63
CA ASN B 195 6.09 -0.69 -7.47
C ASN B 195 7.41 -0.81 -8.22
#